data_8E5J
#
_entry.id   8E5J
#
_cell.length_a   45.010
_cell.length_b   51.540
_cell.length_c   79.310
_cell.angle_alpha   90.000
_cell.angle_beta   91.870
_cell.angle_gamma   90.000
#
_symmetry.space_group_name_H-M   'P 1 21 1'
#
loop_
_entity.id
_entity.type
_entity.pdbx_description
1 polymer 'Cytochrome P450'
2 non-polymer Mesoheme
3 non-polymer '4-butylbenzoic acid'
4 non-polymer 'CHLORIDE ION'
5 water water
#
_entity_poly.entity_id   1
_entity_poly.type   'polypeptide(L)'
_entity_poly.pdbx_seq_one_letter_code
;TIPHLAIDPFSLDFFDDPYPDQQTLRDAGPVVYLDKWNVYGVARYAEVHAVLNDPTTFCSSRGVGLSDFKKEKPWRPPSL
ILEADPPAHTRPRAVLSKVLSPATMKTIRDGFAAAADAKVDELLQRGCIDAIADLAEAYPLSVFPDAMGLKQEGREHLLP
YAGLVFNAFGPPNELRQTAIERSAPHQAYVNEQCQRPNLAPGGFGACIHAFTDTGEITPDEAPLLVRSLLSAGLDTTVNG
IGAAVYCLARFPGELQRLRSDPTLARNAFEEAVRFESPVQTFFRTTTREVELGGAVIGEGEKVLMFLGSANRDPRRWSDP
DLYDITRKTSGHVGFGSGVHMCVGQLVARLEGEVMLSALARKVAAIDIDGPVKRRFNNTLRGLESLPVKLTPA
;
_entity_poly.pdbx_strand_id   A
#
# COMPACT_ATOMS: atom_id res chain seq x y z
N THR A 1 32.46 -8.67 -4.03
CA THR A 1 31.86 -8.35 -5.33
C THR A 1 30.49 -7.68 -5.16
N ILE A 2 29.87 -7.87 -4.01
CA ILE A 2 28.62 -7.21 -3.64
C ILE A 2 28.94 -6.20 -2.56
N PRO A 3 28.64 -4.92 -2.74
CA PRO A 3 28.94 -3.93 -1.71
C PRO A 3 28.11 -4.18 -0.46
N HIS A 4 28.73 -3.92 0.69
CA HIS A 4 28.10 -4.07 1.99
C HIS A 4 27.84 -2.69 2.57
N LEU A 5 26.60 -2.44 2.96
CA LEU A 5 26.23 -1.15 3.52
C LEU A 5 25.64 -1.33 4.90
N ALA A 6 25.83 -0.33 5.75
CA ALA A 6 25.33 -0.36 7.12
C ALA A 6 24.06 0.44 7.28
N ILE A 7 23.51 0.98 6.18
CA ILE A 7 22.23 1.68 6.23
C ILE A 7 21.16 0.74 6.80
N ASP A 8 20.46 1.21 7.82
CA ASP A 8 19.31 0.50 8.35
C ASP A 8 18.04 1.07 7.72
N PRO A 9 17.45 0.42 6.72
CA PRO A 9 16.23 0.96 6.08
C PRO A 9 14.99 0.87 6.96
N PHE A 10 15.10 0.36 8.19
CA PHE A 10 13.98 0.30 9.11
C PHE A 10 14.25 1.13 10.37
N SER A 11 15.03 2.19 10.22
CA SER A 11 15.34 3.09 11.32
C SER A 11 14.58 4.40 11.14
N LEU A 12 14.30 5.06 12.27
CA LEU A 12 13.56 6.32 12.24
C LEU A 12 14.32 7.37 11.44
N ASP A 13 15.65 7.35 11.49
CA ASP A 13 16.45 8.24 10.66
C ASP A 13 16.18 8.02 9.18
N PHE A 14 16.02 6.75 8.77
CA PHE A 14 15.74 6.46 7.38
C PHE A 14 14.32 6.86 6.99
N PHE A 15 13.34 6.53 7.83
CA PHE A 15 11.96 6.92 7.55
C PHE A 15 11.82 8.44 7.41
N ASP A 16 12.62 9.20 8.17
CA ASP A 16 12.50 10.65 8.15
C ASP A 16 12.88 11.23 6.78
N ASP A 17 13.98 10.76 6.20
CA ASP A 17 14.45 11.25 4.91
C ASP A 17 15.11 10.11 4.17
N PRO A 18 14.32 9.29 3.48
CA PRO A 18 14.89 8.07 2.88
C PRO A 18 15.57 8.27 1.54
N TYR A 19 15.46 9.44 0.94
CA TYR A 19 15.85 9.60 -0.46
C TYR A 19 17.37 9.68 -0.63
N PRO A 20 18.12 10.40 0.22
CA PRO A 20 19.58 10.29 0.12
C PRO A 20 20.08 8.86 0.27
N ASP A 21 19.64 8.14 1.30
CA ASP A 21 20.10 6.76 1.46
C ASP A 21 19.66 5.87 0.31
N GLN A 22 18.49 6.16 -0.29
CA GLN A 22 18.04 5.37 -1.43
C GLN A 22 18.89 5.60 -2.67
N GLN A 23 19.37 6.83 -2.89
CA GLN A 23 20.33 7.04 -3.98
C GLN A 23 21.63 6.29 -3.71
N THR A 24 22.10 6.32 -2.46
CA THR A 24 23.30 5.58 -2.09
C THR A 24 23.15 4.08 -2.39
N LEU A 25 21.97 3.52 -2.11
CA LEU A 25 21.74 2.10 -2.37
C LEU A 25 21.69 1.80 -3.85
N ARG A 26 21.06 2.67 -4.64
CA ARG A 26 21.01 2.47 -6.09
C ARG A 26 22.40 2.57 -6.70
N ASP A 27 23.15 3.61 -6.33
CA ASP A 27 24.46 3.85 -6.95
C ASP A 27 25.52 2.87 -6.45
N ALA A 28 25.33 2.24 -5.29
CA ALA A 28 26.33 1.27 -4.84
C ALA A 28 26.44 0.08 -5.78
N GLY A 29 25.36 -0.27 -6.47
CA GLY A 29 25.35 -1.40 -7.38
C GLY A 29 23.94 -1.95 -7.56
N PRO A 30 23.77 -2.84 -8.53
CA PRO A 30 22.43 -3.46 -8.72
C PRO A 30 21.99 -4.29 -7.54
N VAL A 31 22.91 -4.92 -6.82
CA VAL A 31 22.61 -5.73 -5.65
C VAL A 31 23.56 -5.34 -4.52
N VAL A 32 23.00 -5.04 -3.36
CA VAL A 32 23.79 -4.74 -2.18
C VAL A 32 23.48 -5.77 -1.09
N TYR A 33 24.32 -5.78 -0.06
CA TYR A 33 24.07 -6.57 1.13
C TYR A 33 23.92 -5.63 2.32
N LEU A 34 22.88 -5.85 3.12
CA LEU A 34 22.55 -4.98 4.25
C LEU A 34 23.01 -5.64 5.54
N ASP A 35 24.22 -5.28 5.99
CA ASP A 35 24.83 -5.93 7.15
C ASP A 35 23.97 -5.83 8.40
N LYS A 36 23.13 -4.79 8.50
CA LYS A 36 22.34 -4.61 9.71
C LYS A 36 21.39 -5.78 9.93
N TRP A 37 20.81 -6.31 8.86
CA TRP A 37 19.79 -7.34 8.98
C TRP A 37 20.12 -8.62 8.22
N ASN A 38 21.28 -8.67 7.56
CA ASN A 38 21.73 -9.88 6.86
C ASN A 38 20.76 -10.28 5.75
N VAL A 39 20.47 -9.31 4.88
CA VAL A 39 19.62 -9.52 3.72
C VAL A 39 20.26 -8.81 2.53
N TYR A 40 19.91 -9.28 1.33
CA TYR A 40 20.27 -8.57 0.12
C TYR A 40 19.26 -7.46 -0.15
N GLY A 41 19.71 -6.44 -0.86
CA GLY A 41 18.85 -5.31 -1.20
C GLY A 41 18.99 -4.95 -2.66
N VAL A 42 17.84 -4.66 -3.29
CA VAL A 42 17.79 -4.14 -4.65
C VAL A 42 16.97 -2.86 -4.64
N ALA A 43 17.54 -1.78 -5.19
CA ALA A 43 16.90 -0.47 -5.14
C ALA A 43 16.70 0.20 -6.49
N ARG A 44 17.30 -0.31 -7.58
CA ARG A 44 17.04 0.23 -8.91
C ARG A 44 15.76 -0.37 -9.49
N TYR A 45 15.20 0.33 -10.48
CA TYR A 45 13.96 -0.12 -11.10
C TYR A 45 14.13 -1.48 -11.78
N ALA A 46 15.24 -1.67 -12.49
CA ALA A 46 15.42 -2.89 -13.27
C ALA A 46 15.37 -4.14 -12.38
N GLU A 47 16.17 -4.15 -11.31
CA GLU A 47 16.23 -5.35 -10.46
C GLU A 47 14.96 -5.53 -9.64
N VAL A 48 14.41 -4.44 -9.11
CA VAL A 48 13.14 -4.54 -8.39
C VAL A 48 12.06 -5.12 -9.30
N HIS A 49 11.98 -4.64 -10.54
CA HIS A 49 11.00 -5.16 -11.49
C HIS A 49 11.27 -6.62 -11.84
N ALA A 50 12.55 -6.99 -11.98
CA ALA A 50 12.88 -8.37 -12.34
C ALA A 50 12.54 -9.33 -11.20
N VAL A 51 12.83 -8.95 -9.96
CA VAL A 51 12.51 -9.81 -8.83
C VAL A 51 11.00 -10.07 -8.76
N LEU A 52 10.22 -9.00 -8.95
CA LEU A 52 8.77 -9.12 -8.84
C LEU A 52 8.19 -10.04 -9.91
N ASN A 53 8.82 -10.10 -11.09
CA ASN A 53 8.29 -10.87 -12.21
C ASN A 53 8.92 -12.24 -12.35
N ASP A 54 9.72 -12.67 -11.38
CA ASP A 54 10.26 -14.03 -11.33
C ASP A 54 9.80 -14.68 -10.02
N PRO A 55 8.53 -15.05 -9.94
CA PRO A 55 8.00 -15.60 -8.67
C PRO A 55 8.52 -16.99 -8.34
N THR A 56 9.04 -17.73 -9.31
CA THR A 56 9.57 -19.06 -9.00
C THR A 56 10.91 -18.95 -8.28
N THR A 57 11.78 -18.05 -8.71
CA THR A 57 13.05 -17.90 -8.04
C THR A 57 12.92 -17.08 -6.76
N PHE A 58 12.09 -16.04 -6.79
CA PHE A 58 11.91 -15.12 -5.66
C PHE A 58 10.51 -15.36 -5.09
N CYS A 59 10.39 -16.39 -4.26
CA CYS A 59 9.09 -16.84 -3.82
C CYS A 59 8.56 -15.96 -2.70
N SER A 60 7.23 -16.00 -2.52
CA SER A 60 6.57 -15.29 -1.44
C SER A 60 6.09 -16.21 -0.32
N SER A 61 6.12 -17.53 -0.51
CA SER A 61 5.57 -18.46 0.47
C SER A 61 6.40 -18.56 1.74
N ARG A 62 7.68 -18.18 1.70
CA ARG A 62 8.48 -18.08 2.91
C ARG A 62 8.36 -16.73 3.58
N GLY A 63 7.34 -15.95 3.21
CA GLY A 63 7.08 -14.65 3.81
C GLY A 63 7.53 -13.50 2.94
N VAL A 64 6.78 -12.40 2.95
CA VAL A 64 7.19 -11.16 2.30
C VAL A 64 7.75 -10.16 3.31
N GLY A 65 7.91 -10.58 4.56
CA GLY A 65 8.64 -9.83 5.56
C GLY A 65 10.05 -10.38 5.74
N LEU A 66 10.75 -9.81 6.72
CA LEU A 66 12.11 -10.27 7.02
C LEU A 66 12.10 -11.71 7.54
N SER A 67 11.11 -12.05 8.36
CA SER A 67 11.04 -13.39 8.92
C SER A 67 10.89 -14.43 7.81
N ASP A 68 11.69 -15.49 7.90
CA ASP A 68 11.63 -16.63 6.99
C ASP A 68 10.76 -17.72 7.62
N PHE A 69 9.65 -18.05 6.96
CA PHE A 69 8.68 -18.97 7.52
C PHE A 69 9.21 -20.40 7.65
N LYS A 70 10.24 -20.77 6.88
CA LYS A 70 10.91 -22.04 7.10
C LYS A 70 11.71 -22.06 8.40
N LYS A 71 11.99 -20.90 8.99
CA LYS A 71 12.82 -20.82 10.18
C LYS A 71 12.06 -20.38 11.42
N GLU A 72 11.10 -19.46 11.30
CA GLU A 72 10.36 -18.92 12.44
C GLU A 72 8.87 -19.10 12.22
N LYS A 73 8.15 -19.27 13.31
CA LYS A 73 6.69 -19.33 13.25
C LYS A 73 6.13 -17.97 12.87
N PRO A 74 5.22 -17.89 11.89
CA PRO A 74 4.61 -16.60 11.59
C PRO A 74 3.77 -16.12 12.76
N TRP A 75 3.66 -14.79 12.89
CA TRP A 75 2.89 -14.22 13.98
C TRP A 75 1.39 -14.42 13.79
N ARG A 76 0.94 -14.58 12.55
CA ARG A 76 -0.44 -14.92 12.23
C ARG A 76 -0.40 -15.98 11.14
N PRO A 77 -1.49 -16.70 10.95
CA PRO A 77 -1.56 -17.67 9.83
C PRO A 77 -1.26 -16.98 8.51
N PRO A 78 -0.34 -17.53 7.71
CA PRO A 78 0.10 -16.85 6.49
C PRO A 78 -1.05 -16.54 5.56
N SER A 79 -0.93 -15.43 4.84
CA SER A 79 -1.95 -15.05 3.87
C SER A 79 -2.01 -16.10 2.75
N LEU A 80 -3.24 -16.46 2.37
CA LEU A 80 -3.46 -17.45 1.33
C LEU A 80 -3.15 -16.93 -0.07
N ILE A 81 -3.05 -15.61 -0.24
CA ILE A 81 -2.76 -15.02 -1.54
C ILE A 81 -1.41 -14.29 -1.54
N LEU A 82 -1.17 -13.43 -0.54
CA LEU A 82 0.07 -12.65 -0.52
C LEU A 82 1.29 -13.55 -0.32
N GLU A 83 1.18 -14.52 0.58
CA GLU A 83 2.29 -15.38 0.93
C GLU A 83 2.08 -16.78 0.37
N ALA A 84 1.63 -16.86 -0.88
CA ALA A 84 1.48 -18.11 -1.61
C ALA A 84 2.09 -17.97 -2.99
N ASP A 85 2.73 -19.02 -3.45
CA ASP A 85 3.27 -19.06 -4.80
C ASP A 85 2.34 -19.85 -5.70
N PRO A 86 2.44 -19.67 -7.02
CA PRO A 86 1.70 -20.55 -7.92
C PRO A 86 2.18 -21.98 -7.77
N PRO A 87 1.28 -22.97 -7.93
CA PRO A 87 -0.12 -22.82 -8.32
C PRO A 87 -1.07 -22.52 -7.17
N ALA A 88 -0.61 -22.68 -5.93
CA ALA A 88 -1.49 -22.46 -4.78
C ALA A 88 -2.10 -21.06 -4.78
N HIS A 89 -1.37 -20.06 -5.30
CA HIS A 89 -1.80 -18.67 -5.33
C HIS A 89 -2.91 -18.42 -6.36
N THR A 90 -2.97 -19.22 -7.42
CA THR A 90 -3.75 -18.87 -8.61
C THR A 90 -5.25 -18.78 -8.30
N ARG A 91 -5.81 -19.81 -7.65
CA ARG A 91 -7.25 -19.84 -7.42
C ARG A 91 -7.71 -18.74 -6.45
N PRO A 92 -7.07 -18.54 -5.28
CA PRO A 92 -7.48 -17.39 -4.44
C PRO A 92 -7.31 -16.05 -5.14
N ARG A 93 -6.27 -15.88 -5.94
CA ARG A 93 -6.10 -14.64 -6.67
C ARG A 93 -7.24 -14.44 -7.66
N ALA A 94 -7.65 -15.51 -8.36
CA ALA A 94 -8.74 -15.41 -9.31
C ALA A 94 -10.03 -14.98 -8.62
N VAL A 95 -10.30 -15.53 -7.43
CA VAL A 95 -11.51 -15.15 -6.70
C VAL A 95 -11.46 -13.68 -6.33
N LEU A 96 -10.35 -13.23 -5.72
CA LEU A 96 -10.24 -11.83 -5.32
C LEU A 96 -10.31 -10.91 -6.53
N SER A 97 -9.73 -11.34 -7.66
CA SER A 97 -9.83 -10.57 -8.90
C SER A 97 -11.28 -10.39 -9.31
N LYS A 98 -12.09 -11.45 -9.26
CA LYS A 98 -13.49 -11.33 -9.67
C LYS A 98 -14.31 -10.54 -8.66
N VAL A 99 -13.96 -10.60 -7.37
CA VAL A 99 -14.68 -9.81 -6.37
C VAL A 99 -14.38 -8.32 -6.55
N LEU A 100 -13.12 -7.96 -6.80
CA LEU A 100 -12.72 -6.56 -6.99
C LEU A 100 -12.57 -6.20 -8.46
N SER A 101 -13.48 -6.71 -9.29
CA SER A 101 -13.34 -6.70 -10.74
C SER A 101 -13.75 -5.35 -11.33
N PRO A 102 -13.42 -5.12 -12.60
CA PRO A 102 -13.97 -3.95 -13.31
C PRO A 102 -15.49 -3.89 -13.26
N ALA A 103 -16.17 -5.02 -13.41
CA ALA A 103 -17.62 -5.04 -13.32
C ALA A 103 -18.10 -4.66 -11.92
N THR A 104 -17.31 -4.97 -10.89
CA THR A 104 -17.71 -4.63 -9.52
C THR A 104 -17.58 -3.13 -9.27
N MET A 105 -16.58 -2.47 -9.87
CA MET A 105 -16.39 -1.05 -9.64
C MET A 105 -17.60 -0.24 -10.11
N LYS A 106 -18.28 -0.69 -11.18
CA LYS A 106 -19.49 -0.01 -11.63
C LYS A 106 -20.55 0.02 -10.55
N THR A 107 -20.56 -0.98 -9.66
CA THR A 107 -21.58 -1.03 -8.61
C THR A 107 -21.34 0.01 -7.53
N ILE A 108 -20.08 0.40 -7.28
CA ILE A 108 -19.75 1.24 -6.14
C ILE A 108 -19.35 2.65 -6.53
N ARG A 109 -19.11 2.94 -7.82
CA ARG A 109 -18.49 4.21 -8.19
C ARG A 109 -19.32 5.41 -7.74
N ASP A 110 -20.63 5.37 -7.96
CA ASP A 110 -21.46 6.53 -7.63
C ASP A 110 -21.49 6.78 -6.12
N GLY A 111 -21.57 5.71 -5.34
CA GLY A 111 -21.55 5.87 -3.90
C GLY A 111 -20.22 6.37 -3.38
N PHE A 112 -19.12 5.82 -3.92
CA PHE A 112 -17.80 6.31 -3.54
C PHE A 112 -17.63 7.78 -3.92
N ALA A 113 -18.08 8.16 -5.11
CA ALA A 113 -17.93 9.56 -5.55
C ALA A 113 -18.79 10.50 -4.73
N ALA A 114 -20.02 10.10 -4.41
CA ALA A 114 -20.90 10.98 -3.64
C ALA A 114 -20.34 11.23 -2.24
N ALA A 115 -19.82 10.18 -1.59
CA ALA A 115 -19.21 10.34 -0.29
C ALA A 115 -17.95 11.20 -0.37
N ALA A 116 -17.20 11.10 -1.46
CA ALA A 116 -16.04 11.97 -1.63
C ALA A 116 -16.47 13.43 -1.74
N ASP A 117 -17.50 13.71 -2.55
CA ASP A 117 -17.97 15.08 -2.71
C ASP A 117 -18.54 15.62 -1.40
N ALA A 118 -19.27 14.78 -0.67
CA ALA A 118 -19.85 15.19 0.61
C ALA A 118 -18.76 15.57 1.61
N LYS A 119 -17.68 14.78 1.66
CA LYS A 119 -16.61 15.03 2.62
C LYS A 119 -15.91 16.35 2.33
N VAL A 120 -15.63 16.63 1.06
CA VAL A 120 -14.98 17.90 0.71
C VAL A 120 -15.85 19.08 1.09
N ASP A 121 -17.17 18.99 0.83
CA ASP A 121 -18.08 20.05 1.26
C ASP A 121 -18.02 20.23 2.78
N GLU A 122 -17.97 19.11 3.52
CA GLU A 122 -17.91 19.19 4.98
C GLU A 122 -16.63 19.84 5.45
N LEU A 123 -15.51 19.56 4.77
CA LEU A 123 -14.23 20.15 5.16
C LEU A 123 -14.14 21.62 4.77
N LEU A 124 -14.70 21.98 3.60
CA LEU A 124 -14.70 23.38 3.18
C LEU A 124 -15.45 24.27 4.17
N GLN A 125 -16.50 23.74 4.80
CA GLN A 125 -17.19 24.50 5.84
C GLN A 125 -16.34 24.68 7.09
N ARG A 126 -15.38 23.79 7.32
CA ARG A 126 -14.50 23.91 8.48
C ARG A 126 -13.26 24.74 8.20
N GLY A 127 -12.80 24.77 6.94
CA GLY A 127 -11.68 25.61 6.56
C GLY A 127 -10.32 25.06 6.95
N CYS A 128 -10.01 25.09 8.25
CA CYS A 128 -8.73 24.61 8.77
C CYS A 128 -8.96 23.20 9.30
N ILE A 129 -8.39 22.20 8.62
CA ILE A 129 -8.62 20.81 8.94
C ILE A 129 -7.28 20.08 9.00
N ASP A 130 -7.34 18.83 9.43
CA ASP A 130 -6.20 17.92 9.39
C ASP A 130 -6.42 16.97 8.21
N ALA A 131 -5.64 17.14 7.15
CA ALA A 131 -5.87 16.35 5.94
C ALA A 131 -5.66 14.86 6.16
N ILE A 132 -5.02 14.47 7.26
CA ILE A 132 -4.88 13.06 7.57
C ILE A 132 -6.17 12.57 8.21
N ALA A 133 -6.44 12.99 9.45
CA ALA A 133 -7.56 12.45 10.21
C ALA A 133 -8.90 12.83 9.59
N ASP A 134 -9.03 14.06 9.10
CA ASP A 134 -10.30 14.56 8.59
C ASP A 134 -10.53 14.23 7.12
N LEU A 135 -9.52 13.74 6.40
CA LEU A 135 -9.67 13.45 4.99
C LEU A 135 -9.06 12.11 4.62
N ALA A 136 -7.74 11.96 4.79
CA ALA A 136 -7.05 10.74 4.36
C ALA A 136 -7.57 9.53 5.12
N GLU A 137 -7.88 9.70 6.40
CA GLU A 137 -8.48 8.64 7.19
C GLU A 137 -10.01 8.67 7.13
N ALA A 138 -10.61 9.85 7.28
CA ALA A 138 -12.07 9.93 7.38
C ALA A 138 -12.76 9.39 6.14
N TYR A 139 -12.27 9.73 4.94
CA TYR A 139 -12.99 9.33 3.73
C TYR A 139 -12.95 7.82 3.49
N PRO A 140 -11.79 7.15 3.46
CA PRO A 140 -11.83 5.69 3.26
C PRO A 140 -12.58 4.96 4.35
N LEU A 141 -12.52 5.44 5.59
CA LEU A 141 -13.29 4.82 6.65
C LEU A 141 -14.78 4.93 6.42
N SER A 142 -15.23 5.89 5.62
CA SER A 142 -16.64 6.10 5.35
C SER A 142 -17.14 5.32 4.14
N VAL A 143 -16.27 4.58 3.44
CA VAL A 143 -16.71 3.87 2.24
C VAL A 143 -16.25 2.42 2.24
N PHE A 144 -14.99 2.17 2.66
CA PHE A 144 -14.46 0.82 2.51
C PHE A 144 -15.06 -0.15 3.53
N PRO A 145 -15.15 0.16 4.83
CA PRO A 145 -15.81 -0.78 5.75
C PRO A 145 -17.25 -1.09 5.33
N ASP A 146 -17.97 -0.13 4.75
CA ASP A 146 -19.31 -0.41 4.25
C ASP A 146 -19.25 -1.25 2.99
N ALA A 147 -18.33 -0.94 2.07
CA ALA A 147 -18.15 -1.79 0.90
C ALA A 147 -17.78 -3.21 1.30
N MET A 148 -17.00 -3.37 2.39
CA MET A 148 -16.67 -4.70 2.89
C MET A 148 -17.89 -5.44 3.40
N GLY A 149 -18.94 -4.72 3.78
CA GLY A 149 -20.05 -5.30 4.50
C GLY A 149 -19.82 -5.47 5.97
N LEU A 150 -18.95 -4.67 6.58
CA LEU A 150 -18.64 -4.81 7.99
C LEU A 150 -19.66 -4.06 8.83
N LYS A 151 -19.91 -4.59 10.02
CA LYS A 151 -20.81 -3.90 10.95
C LYS A 151 -20.18 -2.59 11.41
N GLN A 152 -20.99 -1.78 12.09
CA GLN A 152 -20.53 -0.44 12.45
C GLN A 152 -19.60 -0.45 13.66
N GLU A 153 -19.92 -1.26 14.66
CA GLU A 153 -19.15 -1.25 15.90
C GLU A 153 -17.82 -1.99 15.73
N GLY A 154 -16.76 -1.39 16.27
CA GLY A 154 -15.45 -2.01 16.29
C GLY A 154 -14.49 -1.53 15.23
N ARG A 155 -14.93 -0.66 14.31
CA ARG A 155 -14.10 -0.23 13.20
C ARG A 155 -12.85 0.53 13.64
N GLU A 156 -12.75 0.91 14.91
CA GLU A 156 -11.53 1.54 15.43
C GLU A 156 -10.37 0.56 15.51
N HIS A 157 -10.61 -0.74 15.34
CA HIS A 157 -9.53 -1.72 15.29
C HIS A 157 -8.89 -1.82 13.91
N LEU A 158 -9.54 -1.29 12.87
CA LEU A 158 -9.10 -1.55 11.51
C LEU A 158 -7.74 -0.92 11.22
N LEU A 159 -7.60 0.38 11.48
CA LEU A 159 -6.33 1.03 11.18
C LEU A 159 -5.22 0.49 12.11
N PRO A 160 -5.47 0.33 13.42
CA PRO A 160 -4.44 -0.31 14.27
C PRO A 160 -4.06 -1.70 13.80
N TYR A 161 -5.04 -2.53 13.40
CA TYR A 161 -4.70 -3.85 12.87
C TYR A 161 -3.85 -3.75 11.61
N ALA A 162 -4.14 -2.76 10.75
CA ALA A 162 -3.38 -2.59 9.52
C ALA A 162 -1.94 -2.17 9.80
N GLY A 163 -1.75 -1.11 10.60
CA GLY A 163 -0.40 -0.69 10.94
C GLY A 163 0.39 -1.75 11.65
N LEU A 164 -0.30 -2.71 12.27
CA LEU A 164 0.37 -3.85 12.89
C LEU A 164 0.84 -4.84 11.82
N VAL A 165 0.00 -5.10 10.81
CA VAL A 165 0.38 -6.04 9.76
C VAL A 165 1.61 -5.55 9.03
N PHE A 166 1.69 -4.25 8.74
CA PHE A 166 2.79 -3.70 7.96
C PHE A 166 4.05 -3.48 8.79
N ASN A 167 3.89 -3.20 10.09
CA ASN A 167 5.04 -3.20 10.98
C ASN A 167 5.63 -4.59 11.13
N ALA A 168 4.77 -5.63 11.12
CA ALA A 168 5.24 -7.00 11.31
C ALA A 168 5.97 -7.55 10.11
N PHE A 169 5.85 -6.91 8.94
CA PHE A 169 6.72 -7.26 7.83
C PHE A 169 8.17 -6.90 8.10
N GLY A 170 8.43 -6.02 9.08
CA GLY A 170 9.76 -5.50 9.29
C GLY A 170 10.61 -6.37 10.21
N PRO A 171 11.78 -5.86 10.57
CA PRO A 171 12.66 -6.60 11.46
C PRO A 171 12.14 -6.51 12.89
N PRO A 172 12.69 -7.32 13.82
CA PRO A 172 12.27 -7.20 15.22
C PRO A 172 12.87 -5.98 15.90
N ASN A 173 12.51 -4.78 15.41
CA ASN A 173 12.86 -3.54 16.08
C ASN A 173 11.73 -3.18 17.04
N GLU A 174 11.83 -2.01 17.68
CA GLU A 174 10.79 -1.61 18.63
C GLU A 174 9.45 -1.38 17.95
N LEU A 175 9.45 -0.85 16.72
CA LEU A 175 8.20 -0.65 16.00
C LEU A 175 7.44 -1.96 15.84
N ARG A 176 8.14 -3.02 15.45
CA ARG A 176 7.47 -4.31 15.26
C ARG A 176 7.07 -4.92 16.60
N GLN A 177 7.97 -4.88 17.59
CA GLN A 177 7.71 -5.56 18.85
C GLN A 177 6.61 -4.85 19.64
N THR A 178 6.60 -3.52 19.63
CA THR A 178 5.54 -2.78 20.31
C THR A 178 4.18 -3.07 19.68
N ALA A 179 4.12 -3.13 18.36
CA ALA A 179 2.86 -3.46 17.69
C ALA A 179 2.36 -4.83 18.11
N ILE A 180 3.17 -5.87 17.88
CA ILE A 180 2.75 -7.24 18.18
C ILE A 180 2.34 -7.35 19.64
N GLU A 181 3.04 -6.66 20.54
CA GLU A 181 2.71 -6.71 21.96
C GLU A 181 1.34 -6.14 22.27
N ARG A 182 0.68 -5.47 21.32
CA ARG A 182 -0.67 -4.95 21.52
C ARG A 182 -1.68 -5.55 20.55
N SER A 183 -1.33 -6.66 19.89
CA SER A 183 -2.12 -7.10 18.74
C SER A 183 -3.45 -7.69 19.17
N ALA A 184 -3.45 -8.51 20.22
CA ALA A 184 -4.57 -9.43 20.55
C ALA A 184 -5.96 -8.84 20.38
N PRO A 185 -6.28 -7.63 20.85
CA PRO A 185 -7.64 -7.12 20.63
C PRO A 185 -7.98 -6.87 19.18
N HIS A 186 -7.02 -6.41 18.38
CA HIS A 186 -7.31 -6.14 16.96
C HIS A 186 -7.42 -7.44 16.16
N GLN A 187 -6.54 -8.40 16.42
CA GLN A 187 -6.64 -9.70 15.78
C GLN A 187 -7.98 -10.36 16.06
N ALA A 188 -8.43 -10.30 17.32
CA ALA A 188 -9.70 -10.90 17.68
C ALA A 188 -10.86 -10.26 16.94
N TYR A 189 -10.87 -8.92 16.86
CA TYR A 189 -11.92 -8.23 16.12
C TYR A 189 -11.90 -8.64 14.65
N VAL A 190 -10.75 -8.49 13.99
CA VAL A 190 -10.66 -8.77 12.56
C VAL A 190 -11.04 -10.22 12.26
N ASN A 191 -10.53 -11.16 13.07
CA ASN A 191 -10.78 -12.57 12.78
C ASN A 191 -12.25 -12.92 12.95
N GLU A 192 -12.97 -12.18 13.78
CA GLU A 192 -14.39 -12.44 13.95
C GLU A 192 -15.21 -11.91 12.77
N GLN A 193 -14.85 -10.74 12.24
CA GLN A 193 -15.60 -10.17 11.13
C GLN A 193 -15.40 -10.92 9.83
N CYS A 194 -14.45 -11.85 9.77
CA CYS A 194 -14.23 -12.62 8.56
C CYS A 194 -15.18 -13.80 8.42
N GLN A 195 -15.87 -14.17 9.50
CA GLN A 195 -16.80 -15.28 9.45
C GLN A 195 -18.06 -14.86 8.69
N ARG A 196 -18.48 -15.69 7.72
CA ARG A 196 -19.64 -15.48 6.87
C ARG A 196 -20.86 -14.90 7.59
N PRO A 197 -21.20 -15.35 8.81
CA PRO A 197 -22.38 -14.76 9.48
C PRO A 197 -22.26 -13.26 9.75
N ASN A 198 -21.06 -12.70 9.86
CA ASN A 198 -20.90 -11.32 10.30
C ASN A 198 -20.71 -10.33 9.16
N LEU A 199 -20.86 -10.77 7.91
CA LEU A 199 -20.65 -9.91 6.75
C LEU A 199 -22.00 -9.64 6.06
N ALA A 200 -22.31 -8.36 5.84
CA ALA A 200 -23.55 -7.98 5.21
C ALA A 200 -23.59 -8.47 3.76
N PRO A 201 -24.77 -8.85 3.27
CA PRO A 201 -24.88 -9.37 1.90
C PRO A 201 -24.68 -8.29 0.85
N GLY A 202 -24.08 -8.68 -0.27
CA GLY A 202 -23.69 -7.74 -1.28
C GLY A 202 -22.33 -7.11 -1.08
N GLY A 203 -21.76 -7.21 0.13
CA GLY A 203 -20.44 -6.66 0.38
C GLY A 203 -19.31 -7.51 -0.16
N PHE A 204 -18.09 -6.95 -0.10
CA PHE A 204 -16.92 -7.68 -0.56
C PHE A 204 -16.76 -9.00 0.20
N GLY A 205 -16.98 -8.97 1.52
CA GLY A 205 -16.78 -10.18 2.32
C GLY A 205 -17.79 -11.27 1.98
N ALA A 206 -19.06 -10.90 1.79
CA ALA A 206 -20.06 -11.87 1.37
C ALA A 206 -19.78 -12.44 -0.01
N CYS A 207 -19.28 -11.60 -0.92
CA CYS A 207 -19.00 -12.09 -2.27
CA CYS A 207 -19.00 -12.08 -2.27
C CYS A 207 -17.87 -13.11 -2.26
N ILE A 208 -16.87 -12.92 -1.39
CA ILE A 208 -15.79 -13.91 -1.28
C ILE A 208 -16.35 -15.23 -0.80
N HIS A 209 -17.19 -15.18 0.25
CA HIS A 209 -17.81 -16.40 0.75
C HIS A 209 -18.69 -17.07 -0.30
N ALA A 210 -19.31 -16.29 -1.20
CA ALA A 210 -20.16 -16.89 -2.22
C ALA A 210 -19.36 -17.62 -3.28
N PHE A 211 -18.05 -17.38 -3.35
CA PHE A 211 -17.19 -18.05 -4.32
C PHE A 211 -16.71 -19.42 -3.85
N THR A 212 -17.23 -19.91 -2.73
CA THR A 212 -16.86 -21.26 -2.30
C THR A 212 -17.56 -22.35 -3.10
N ASP A 213 -18.64 -22.01 -3.83
CA ASP A 213 -19.38 -22.99 -4.62
C ASP A 213 -18.68 -23.37 -5.91
N THR A 214 -17.82 -22.49 -6.42
CA THR A 214 -17.25 -22.67 -7.76
C THR A 214 -16.16 -23.73 -7.78
N GLY A 215 -15.62 -24.12 -6.62
CA GLY A 215 -14.45 -24.95 -6.61
C GLY A 215 -13.15 -24.18 -6.73
N GLU A 216 -13.20 -22.85 -6.64
CA GLU A 216 -11.98 -22.06 -6.65
C GLU A 216 -11.40 -21.92 -5.25
N ILE A 217 -12.25 -21.71 -4.24
CA ILE A 217 -11.84 -21.73 -2.85
C ILE A 217 -12.86 -22.54 -2.07
N THR A 218 -12.42 -23.16 -0.95
CA THR A 218 -13.30 -23.90 -0.07
C THR A 218 -13.82 -22.99 1.03
N PRO A 219 -14.90 -23.40 1.72
CA PRO A 219 -15.42 -22.57 2.81
C PRO A 219 -14.41 -22.20 3.89
N ASP A 220 -13.43 -23.06 4.18
CA ASP A 220 -12.46 -22.73 5.22
C ASP A 220 -11.41 -21.73 4.76
N GLU A 221 -11.27 -21.52 3.44
CA GLU A 221 -10.35 -20.51 2.94
C GLU A 221 -10.94 -19.11 2.96
N ALA A 222 -12.27 -18.98 2.89
CA ALA A 222 -12.89 -17.67 2.73
C ALA A 222 -12.60 -16.69 3.86
N PRO A 223 -12.57 -17.09 5.15
CA PRO A 223 -12.26 -16.11 6.20
C PRO A 223 -10.90 -15.47 6.05
N LEU A 224 -9.87 -16.24 5.66
CA LEU A 224 -8.54 -15.65 5.50
C LEU A 224 -8.49 -14.71 4.31
N LEU A 225 -9.30 -14.97 3.28
CA LEU A 225 -9.34 -14.06 2.13
C LEU A 225 -10.00 -12.73 2.50
N VAL A 226 -11.03 -12.77 3.33
CA VAL A 226 -11.59 -11.52 3.85
C VAL A 226 -10.54 -10.78 4.68
N ARG A 227 -9.76 -11.54 5.46
CA ARG A 227 -8.71 -10.92 6.27
C ARG A 227 -7.71 -10.17 5.40
N SER A 228 -7.38 -10.71 4.23
CA SER A 228 -6.47 -10.04 3.29
C SER A 228 -6.95 -8.62 2.97
N LEU A 229 -8.24 -8.48 2.62
CA LEU A 229 -8.77 -7.17 2.27
C LEU A 229 -8.84 -6.25 3.49
N LEU A 230 -9.09 -6.80 4.67
CA LEU A 230 -9.06 -5.98 5.88
C LEU A 230 -7.63 -5.64 6.30
N SER A 231 -6.63 -6.34 5.77
CA SER A 231 -5.25 -6.02 6.10
C SER A 231 -4.65 -5.03 5.10
N ALA A 232 -4.95 -5.19 3.82
CA ALA A 232 -4.32 -4.41 2.77
C ALA A 232 -5.22 -3.31 2.21
N GLY A 233 -6.51 -3.32 2.50
CA GLY A 233 -7.43 -2.48 1.76
C GLY A 233 -7.65 -1.09 2.28
N LEU A 234 -7.22 -0.79 3.50
CA LEU A 234 -7.55 0.47 4.15
C LEU A 234 -6.34 1.38 4.34
N ASP A 235 -5.32 0.92 5.08
CA ASP A 235 -4.20 1.79 5.43
C ASP A 235 -3.43 2.25 4.21
N THR A 236 -3.38 1.42 3.16
CA THR A 236 -2.66 1.80 1.95
C THR A 236 -3.35 2.97 1.25
N THR A 237 -4.68 2.92 1.13
CA THR A 237 -5.41 4.01 0.49
C THR A 237 -5.35 5.28 1.32
N VAL A 238 -5.39 5.13 2.66
CA VAL A 238 -5.21 6.28 3.54
C VAL A 238 -3.89 6.99 3.25
N ASN A 239 -2.79 6.23 3.19
CA ASN A 239 -1.49 6.82 2.90
C ASN A 239 -1.40 7.33 1.47
N GLY A 240 -2.09 6.65 0.54
CA GLY A 240 -2.10 7.12 -0.83
C GLY A 240 -2.86 8.43 -0.99
N ILE A 241 -4.06 8.51 -0.44
CA ILE A 241 -4.80 9.77 -0.49
C ILE A 241 -4.07 10.85 0.29
N GLY A 242 -3.52 10.49 1.45
CA GLY A 242 -2.72 11.44 2.21
C GLY A 242 -1.57 11.99 1.39
N ALA A 243 -0.87 11.10 0.68
CA ALA A 243 0.25 11.55 -0.15
C ALA A 243 -0.22 12.48 -1.27
N ALA A 244 -1.35 12.16 -1.90
CA ALA A 244 -1.84 13.00 -3.00
C ALA A 244 -2.16 14.41 -2.51
N VAL A 245 -2.82 14.52 -1.36
CA VAL A 245 -3.12 15.84 -0.80
C VAL A 245 -1.83 16.55 -0.42
N TYR A 246 -0.90 15.82 0.19
CA TYR A 246 0.42 16.37 0.49
C TYR A 246 1.08 16.93 -0.77
N CYS A 247 1.12 16.13 -1.83
CA CYS A 247 1.75 16.56 -3.07
C CYS A 247 1.07 17.80 -3.62
N LEU A 248 -0.26 17.81 -3.66
CA LEU A 248 -0.98 18.98 -4.15
C LEU A 248 -0.74 20.19 -3.27
N ALA A 249 -0.46 19.97 -1.97
CA ALA A 249 -0.12 21.10 -1.10
C ALA A 249 1.28 21.63 -1.41
N ARG A 250 2.23 20.73 -1.67
CA ARG A 250 3.60 21.13 -1.91
C ARG A 250 3.82 21.67 -3.32
N PHE A 251 3.06 21.18 -4.30
CA PHE A 251 3.20 21.62 -5.69
C PHE A 251 1.91 22.33 -6.11
N PRO A 252 1.73 23.60 -5.72
CA PRO A 252 0.50 24.31 -6.11
C PRO A 252 0.31 24.42 -7.60
N GLY A 253 1.39 24.42 -8.38
CA GLY A 253 1.24 24.45 -9.83
C GLY A 253 0.51 23.23 -10.36
N GLU A 254 0.66 22.08 -9.69
CA GLU A 254 -0.04 20.87 -10.09
C GLU A 254 -1.51 20.89 -9.67
N LEU A 255 -1.81 21.45 -8.49
CA LEU A 255 -3.22 21.65 -8.13
C LEU A 255 -3.93 22.53 -9.14
N GLN A 256 -3.26 23.59 -9.63
CA GLN A 256 -3.87 24.46 -10.61
CA GLN A 256 -3.89 24.46 -10.60
C GLN A 256 -4.17 23.72 -11.90
N ARG A 257 -3.22 22.91 -12.37
CA ARG A 257 -3.47 22.09 -13.57
C ARG A 257 -4.61 21.12 -13.33
N LEU A 258 -4.67 20.54 -12.13
CA LEU A 258 -5.75 19.60 -11.83
C LEU A 258 -7.10 20.30 -11.84
N ARG A 259 -7.16 21.49 -11.22
CA ARG A 259 -8.40 22.27 -11.24
C ARG A 259 -8.85 22.57 -12.66
N SER A 260 -7.89 22.87 -13.55
CA SER A 260 -8.25 23.27 -14.91
C SER A 260 -8.64 22.08 -15.79
N ASP A 261 -8.27 20.86 -15.40
CA ASP A 261 -8.75 19.65 -16.08
C ASP A 261 -8.93 18.55 -15.05
N PRO A 262 -10.11 18.45 -14.43
CA PRO A 262 -10.33 17.44 -13.40
C PRO A 262 -10.30 16.00 -13.91
N THR A 263 -10.29 15.77 -15.23
CA THR A 263 -10.13 14.40 -15.71
C THR A 263 -8.74 13.87 -15.45
N LEU A 264 -7.81 14.72 -15.03
CA LEU A 264 -6.48 14.31 -14.60
C LEU A 264 -6.48 13.71 -13.20
N ALA A 265 -7.64 13.62 -12.55
CA ALA A 265 -7.69 13.18 -11.16
C ALA A 265 -7.11 11.77 -11.00
N ARG A 266 -7.36 10.89 -11.98
CA ARG A 266 -6.90 9.52 -11.85
C ARG A 266 -5.40 9.43 -12.01
N ASN A 267 -4.84 10.15 -12.98
CA ASN A 267 -3.39 10.14 -13.13
C ASN A 267 -2.72 10.94 -12.04
N ALA A 268 -3.39 11.95 -11.49
CA ALA A 268 -2.82 12.66 -10.35
C ALA A 268 -2.66 11.73 -9.15
N PHE A 269 -3.62 10.82 -8.95
CA PHE A 269 -3.48 9.86 -7.87
C PHE A 269 -2.38 8.85 -8.17
N GLU A 270 -2.40 8.28 -9.38
CA GLU A 270 -1.36 7.34 -9.79
C GLU A 270 0.03 7.93 -9.60
N GLU A 271 0.21 9.20 -9.99
CA GLU A 271 1.52 9.83 -9.83
C GLU A 271 1.89 10.00 -8.37
N ALA A 272 0.90 10.28 -7.51
CA ALA A 272 1.18 10.33 -6.08
C ALA A 272 1.60 8.95 -5.54
N VAL A 273 0.98 7.88 -6.05
CA VAL A 273 1.38 6.53 -5.65
C VAL A 273 2.82 6.26 -6.06
N ARG A 274 3.21 6.70 -7.27
CA ARG A 274 4.61 6.58 -7.66
C ARG A 274 5.49 7.47 -6.79
N PHE A 275 5.09 8.73 -6.64
CA PHE A 275 5.94 9.73 -6.01
C PHE A 275 6.22 9.41 -4.54
N GLU A 276 5.19 8.97 -3.81
CA GLU A 276 5.38 8.67 -2.40
C GLU A 276 5.48 7.19 -2.09
N SER A 277 4.87 6.33 -2.91
CA SER A 277 4.86 4.89 -2.70
C SER A 277 4.48 4.57 -1.26
N PRO A 278 3.18 4.48 -0.95
CA PRO A 278 2.77 4.12 0.41
C PRO A 278 3.37 2.82 0.91
N VAL A 279 3.52 1.83 0.05
CA VAL A 279 4.18 0.57 0.41
C VAL A 279 5.62 0.71 -0.07
N GLN A 280 6.53 0.96 0.88
CA GLN A 280 7.91 1.29 0.55
C GLN A 280 8.75 0.06 0.22
N THR A 281 8.58 -1.03 0.97
CA THR A 281 9.48 -2.17 0.90
C THR A 281 8.71 -3.44 1.25
N PHE A 282 9.21 -4.56 0.77
CA PHE A 282 8.89 -5.89 1.29
C PHE A 282 9.89 -6.86 0.67
N PHE A 283 9.79 -8.12 1.06
CA PHE A 283 10.84 -9.11 0.83
C PHE A 283 10.38 -10.21 -0.12
N ARG A 284 11.37 -10.86 -0.73
CA ARG A 284 11.21 -12.17 -1.35
C ARG A 284 12.30 -13.09 -0.81
N THR A 285 12.13 -14.39 -1.03
CA THR A 285 13.09 -15.39 -0.60
C THR A 285 13.52 -16.22 -1.80
N THR A 286 14.83 -16.34 -1.99
CA THR A 286 15.38 -17.09 -3.13
C THR A 286 15.22 -18.58 -2.91
N THR A 287 14.68 -19.27 -3.92
CA THR A 287 14.51 -20.72 -3.90
C THR A 287 15.69 -21.46 -4.48
N ARG A 288 16.67 -20.74 -5.02
CA ARG A 288 17.85 -21.34 -5.64
C ARG A 288 18.92 -20.27 -5.75
N GLU A 289 20.15 -20.71 -6.01
CA GLU A 289 21.21 -19.78 -6.35
C GLU A 289 20.87 -19.09 -7.67
N VAL A 290 20.91 -17.76 -7.67
CA VAL A 290 20.43 -16.98 -8.81
C VAL A 290 21.40 -15.83 -9.07
N GLU A 291 21.64 -15.55 -10.35
CA GLU A 291 22.45 -14.40 -10.76
C GLU A 291 21.51 -13.24 -11.06
N LEU A 292 21.68 -12.14 -10.33
CA LEU A 292 20.84 -10.95 -10.48
C LEU A 292 21.75 -9.75 -10.68
N GLY A 293 21.77 -9.22 -11.90
CA GLY A 293 22.63 -8.09 -12.21
C GLY A 293 24.08 -8.34 -11.93
N GLY A 294 24.61 -9.46 -12.43
CA GLY A 294 26.01 -9.80 -12.28
C GLY A 294 26.43 -10.27 -10.91
N ALA A 295 25.52 -10.37 -9.95
CA ALA A 295 25.82 -10.82 -8.60
C ALA A 295 25.01 -12.08 -8.31
N VAL A 296 25.67 -13.10 -7.76
CA VAL A 296 25.01 -14.36 -7.44
C VAL A 296 24.48 -14.29 -6.03
N ILE A 297 23.32 -14.90 -5.81
CA ILE A 297 22.64 -14.88 -4.51
C ILE A 297 22.29 -16.31 -4.16
N GLY A 298 22.74 -16.76 -2.99
CA GLY A 298 22.52 -18.13 -2.59
C GLY A 298 21.05 -18.47 -2.40
N GLU A 299 20.81 -19.76 -2.20
CA GLU A 299 19.46 -20.25 -1.96
C GLU A 299 19.00 -19.88 -0.56
N GLY A 300 17.70 -19.68 -0.41
CA GLY A 300 17.12 -19.41 0.90
C GLY A 300 17.50 -18.08 1.52
N GLU A 301 17.86 -17.09 0.70
CA GLU A 301 18.24 -15.77 1.19
C GLU A 301 17.08 -14.79 0.99
N LYS A 302 16.94 -13.86 1.93
CA LYS A 302 15.93 -12.82 1.82
C LYS A 302 16.45 -11.68 0.95
N VAL A 303 15.57 -11.15 0.10
CA VAL A 303 15.91 -10.06 -0.81
C VAL A 303 14.93 -8.92 -0.54
N LEU A 304 15.45 -7.76 -0.14
CA LEU A 304 14.64 -6.60 0.17
C LEU A 304 14.51 -5.72 -1.07
N MET A 305 13.27 -5.49 -1.50
CA MET A 305 12.98 -4.60 -2.62
C MET A 305 12.59 -3.22 -2.08
N PHE A 306 13.21 -2.18 -2.62
CA PHE A 306 12.86 -0.80 -2.32
C PHE A 306 11.94 -0.31 -3.45
N LEU A 307 10.63 -0.46 -3.25
CA LEU A 307 9.67 -0.04 -4.27
C LEU A 307 9.69 1.47 -4.46
N GLY A 308 9.71 2.23 -3.36
CA GLY A 308 9.76 3.68 -3.48
C GLY A 308 11.02 4.17 -4.18
N SER A 309 12.14 3.49 -3.94
CA SER A 309 13.38 3.86 -4.63
C SER A 309 13.30 3.54 -6.11
N ALA A 310 12.68 2.42 -6.46
CA ALA A 310 12.55 2.06 -7.86
C ALA A 310 11.61 3.02 -8.60
N ASN A 311 10.63 3.59 -7.89
CA ASN A 311 9.76 4.61 -8.47
C ASN A 311 10.44 5.97 -8.56
N ARG A 312 11.69 6.11 -8.09
CA ARG A 312 12.44 7.34 -8.23
C ARG A 312 13.81 7.12 -8.86
N ASP A 313 14.06 5.96 -9.43
CA ASP A 313 15.32 5.67 -10.11
C ASP A 313 15.45 6.55 -11.35
N PRO A 314 16.48 7.41 -11.44
CA PRO A 314 16.69 8.18 -12.67
C PRO A 314 17.04 7.35 -13.89
N ARG A 315 17.39 6.08 -13.73
CA ARG A 315 17.67 5.21 -14.86
C ARG A 315 16.40 4.79 -15.58
N ARG A 316 15.24 5.08 -15.00
CA ARG A 316 13.96 4.65 -15.56
C ARG A 316 13.02 5.84 -15.69
N TRP A 317 13.18 6.84 -14.83
CA TRP A 317 12.26 7.95 -14.78
C TRP A 317 12.98 9.25 -15.13
N SER A 318 12.23 10.17 -15.73
CA SER A 318 12.71 11.50 -16.03
C SER A 318 12.23 12.45 -14.94
N ASP A 319 13.17 13.18 -14.35
CA ASP A 319 12.89 14.06 -13.22
C ASP A 319 12.09 13.32 -12.15
N PRO A 320 12.65 12.26 -11.55
CA PRO A 320 11.84 11.40 -10.69
C PRO A 320 11.39 12.08 -9.40
N ASP A 321 12.12 13.08 -8.93
CA ASP A 321 11.78 13.81 -7.72
C ASP A 321 10.69 14.85 -7.94
N LEU A 322 10.17 14.99 -9.16
CA LEU A 322 9.10 15.93 -9.45
C LEU A 322 7.75 15.24 -9.45
N TYR A 323 6.76 15.89 -8.85
CA TYR A 323 5.36 15.45 -8.90
C TYR A 323 4.72 16.05 -10.14
N ASP A 324 4.42 15.20 -11.13
CA ASP A 324 3.93 15.63 -12.45
C ASP A 324 2.66 14.85 -12.78
N ILE A 325 1.50 15.50 -12.68
CA ILE A 325 0.22 14.79 -12.82
C ILE A 325 -0.12 14.43 -14.25
N THR A 326 0.71 14.83 -15.23
CA THR A 326 0.54 14.39 -16.61
C THR A 326 1.64 13.42 -17.03
N ARG A 327 2.49 13.00 -16.11
CA ARG A 327 3.51 12.00 -16.42
C ARG A 327 2.86 10.69 -16.87
N LYS A 328 3.52 10.00 -17.80
CA LYS A 328 3.17 8.62 -18.11
C LYS A 328 3.64 7.76 -16.96
N THR A 329 2.72 7.41 -16.06
CA THR A 329 3.04 6.67 -14.85
C THR A 329 3.08 5.17 -15.07
N SER A 330 2.68 4.69 -16.25
CA SER A 330 2.64 3.26 -16.50
C SER A 330 4.02 2.63 -16.33
N GLY A 331 4.07 1.54 -15.56
CA GLY A 331 5.31 0.85 -15.28
C GLY A 331 5.84 1.04 -13.87
N HIS A 332 5.29 1.96 -13.08
CA HIS A 332 5.71 2.11 -11.69
C HIS A 332 5.30 0.89 -10.87
N VAL A 333 6.07 0.63 -9.81
CA VAL A 333 5.88 -0.58 -9.01
C VAL A 333 5.22 -0.26 -7.66
N GLY A 334 4.61 0.91 -7.52
CA GLY A 334 3.90 1.22 -6.28
C GLY A 334 2.76 0.28 -5.95
N PHE A 335 2.16 -0.34 -6.98
CA PHE A 335 1.17 -1.39 -6.77
C PHE A 335 1.78 -2.78 -6.93
N GLY A 336 3.10 -2.90 -6.97
CA GLY A 336 3.73 -4.17 -7.29
C GLY A 336 3.82 -4.39 -8.78
N SER A 337 4.11 -5.64 -9.14
CA SER A 337 4.24 -6.05 -10.53
C SER A 337 4.25 -7.57 -10.58
N GLY A 338 3.68 -8.12 -11.67
CA GLY A 338 3.65 -9.56 -11.83
C GLY A 338 2.43 -10.21 -11.24
N VAL A 339 2.55 -11.49 -10.86
CA VAL A 339 1.38 -12.26 -10.45
C VAL A 339 0.78 -11.78 -9.13
N HIS A 340 1.56 -11.13 -8.27
CA HIS A 340 1.05 -10.61 -7.00
C HIS A 340 0.58 -9.17 -7.08
N MET A 341 0.64 -8.53 -8.25
CA MET A 341 0.30 -7.11 -8.37
C MET A 341 -1.04 -6.81 -7.73
N CYS A 342 -1.10 -5.70 -6.98
CA CYS A 342 -2.23 -5.39 -6.10
C CYS A 342 -3.57 -5.73 -6.71
N VAL A 343 -4.23 -6.77 -6.19
CA VAL A 343 -5.53 -7.18 -6.71
C VAL A 343 -6.62 -6.18 -6.35
N GLY A 344 -6.34 -5.25 -5.43
CA GLY A 344 -7.31 -4.23 -5.09
C GLY A 344 -7.01 -2.86 -5.68
N GLN A 345 -6.21 -2.80 -6.76
CA GLN A 345 -5.81 -1.51 -7.30
C GLN A 345 -7.00 -0.75 -7.89
N LEU A 346 -8.00 -1.45 -8.41
CA LEU A 346 -9.17 -0.74 -8.92
C LEU A 346 -9.93 -0.05 -7.78
N VAL A 347 -10.01 -0.67 -6.61
CA VAL A 347 -10.62 -0.01 -5.45
C VAL A 347 -9.81 1.21 -5.03
N ALA A 348 -8.48 1.07 -4.98
CA ALA A 348 -7.63 2.18 -4.54
C ALA A 348 -7.71 3.34 -5.52
N ARG A 349 -7.54 3.05 -6.81
CA ARG A 349 -7.60 4.10 -7.82
C ARG A 349 -8.96 4.79 -7.82
N LEU A 350 -10.03 4.03 -7.59
CA LEU A 350 -11.36 4.62 -7.55
C LEU A 350 -11.49 5.60 -6.40
N GLU A 351 -11.15 5.18 -5.18
CA GLU A 351 -11.16 6.09 -4.05
C GLU A 351 -10.28 7.31 -4.31
N GLY A 352 -9.10 7.10 -4.88
CA GLY A 352 -8.21 8.23 -5.13
C GLY A 352 -8.75 9.17 -6.18
N GLU A 353 -9.29 8.59 -7.27
CA GLU A 353 -9.79 9.41 -8.37
C GLU A 353 -10.93 10.31 -7.90
N VAL A 354 -11.95 9.73 -7.28
CA VAL A 354 -13.15 10.50 -6.95
C VAL A 354 -12.87 11.54 -5.89
N MET A 355 -11.84 11.31 -5.05
CA MET A 355 -11.48 12.30 -4.04
C MET A 355 -10.69 13.45 -4.64
N LEU A 356 -9.73 13.15 -5.52
CA LEU A 356 -9.02 14.23 -6.19
C LEU A 356 -9.95 14.98 -7.14
N SER A 357 -10.97 14.29 -7.67
CA SER A 357 -11.98 14.94 -8.49
C SER A 357 -12.78 15.94 -7.66
N ALA A 358 -13.26 15.50 -6.49
CA ALA A 358 -13.97 16.41 -5.61
C ALA A 358 -13.11 17.63 -5.27
N LEU A 359 -11.84 17.42 -4.95
CA LEU A 359 -10.98 18.55 -4.61
C LEU A 359 -10.75 19.45 -5.83
N ALA A 360 -10.58 18.83 -7.00
CA ALA A 360 -10.32 19.58 -8.22
C ALA A 360 -11.45 20.53 -8.57
N ARG A 361 -12.68 20.20 -8.17
CA ARG A 361 -13.83 21.02 -8.53
C ARG A 361 -14.25 21.98 -7.44
N LYS A 362 -13.92 21.71 -6.18
CA LYS A 362 -14.44 22.49 -5.07
C LYS A 362 -13.40 23.36 -4.38
N VAL A 363 -12.12 23.02 -4.49
CA VAL A 363 -11.06 23.69 -3.73
C VAL A 363 -10.21 24.51 -4.67
N ALA A 364 -9.88 25.74 -4.26
CA ALA A 364 -9.04 26.61 -5.05
C ALA A 364 -7.59 26.61 -4.60
N ALA A 365 -7.34 26.38 -3.32
CA ALA A 365 -5.98 26.35 -2.79
C ALA A 365 -5.92 25.47 -1.55
N ILE A 366 -4.77 24.83 -1.36
CA ILE A 366 -4.47 24.02 -0.19
C ILE A 366 -3.16 24.53 0.38
N ASP A 367 -3.22 25.13 1.56
CA ASP A 367 -2.05 25.72 2.21
C ASP A 367 -1.78 25.00 3.51
N ILE A 368 -0.54 24.51 3.68
CA ILE A 368 -0.13 23.96 4.96
C ILE A 368 -0.01 25.08 5.97
N ASP A 369 -0.68 24.93 7.11
CA ASP A 369 -0.71 25.96 8.14
C ASP A 369 -0.52 25.34 9.52
N GLY A 370 0.50 24.49 9.65
CA GLY A 370 0.75 23.80 10.89
C GLY A 370 1.85 22.77 10.77
N PRO A 371 2.36 22.29 11.91
CA PRO A 371 3.47 21.32 11.89
C PRO A 371 3.05 20.00 11.27
N VAL A 372 3.78 19.58 10.24
CA VAL A 372 3.54 18.28 9.63
C VAL A 372 4.22 17.20 10.46
N LYS A 373 3.51 16.10 10.70
CA LYS A 373 4.04 15.01 11.49
C LYS A 373 4.00 13.74 10.68
N ARG A 374 5.09 12.98 10.71
CA ARG A 374 5.21 11.74 9.96
C ARG A 374 4.78 10.57 10.83
N ARG A 375 4.16 9.58 10.21
CA ARG A 375 3.81 8.32 10.86
C ARG A 375 4.85 7.28 10.49
N PHE A 376 5.46 6.66 11.50
CA PHE A 376 6.57 5.75 11.27
C PHE A 376 6.08 4.31 11.28
N ASN A 377 6.42 3.57 10.22
CA ASN A 377 6.03 2.18 10.02
C ASN A 377 7.17 1.50 9.29
N ASN A 378 7.36 0.21 9.58
CA ASN A 378 8.46 -0.51 8.96
C ASN A 378 8.27 -0.67 7.46
N THR A 379 7.02 -0.70 6.99
CA THR A 379 6.70 -0.93 5.60
C THR A 379 5.89 0.21 4.97
N LEU A 380 5.05 0.90 5.72
CA LEU A 380 4.22 1.97 5.18
C LEU A 380 4.91 3.32 5.33
N ARG A 381 4.75 4.17 4.32
CA ARG A 381 5.18 5.55 4.39
C ARG A 381 3.95 6.46 4.28
N GLY A 382 3.92 7.48 5.13
CA GLY A 382 2.78 8.37 5.15
C GLY A 382 2.85 9.29 6.35
N LEU A 383 1.88 10.19 6.41
CA LEU A 383 1.87 11.24 7.42
C LEU A 383 0.93 10.90 8.57
N GLU A 384 1.27 11.41 9.74
CA GLU A 384 0.44 11.35 10.93
C GLU A 384 -0.52 12.53 11.00
N SER A 385 -0.02 13.73 10.70
CA SER A 385 -0.82 14.94 10.77
C SER A 385 -0.42 15.87 9.64
N LEU A 386 -1.41 16.42 8.93
CA LEU A 386 -1.19 17.34 7.83
C LEU A 386 -2.13 18.52 8.00
N PRO A 387 -1.79 19.48 8.87
CA PRO A 387 -2.65 20.64 9.07
C PRO A 387 -2.70 21.52 7.83
N VAL A 388 -3.85 21.59 7.18
CA VAL A 388 -4.00 22.36 5.94
C VAL A 388 -5.22 23.25 6.07
N LYS A 389 -5.18 24.38 5.37
CA LYS A 389 -6.32 25.26 5.21
C LYS A 389 -6.83 25.12 3.79
N LEU A 390 -8.11 24.82 3.65
CA LEU A 390 -8.75 24.66 2.34
C LEU A 390 -9.45 25.95 1.96
N THR A 391 -9.18 26.46 0.75
CA THR A 391 -9.87 27.63 0.24
C THR A 391 -10.89 27.19 -0.81
N PRO A 392 -12.17 27.55 -0.67
CA PRO A 392 -13.16 27.10 -1.65
C PRO A 392 -12.96 27.77 -3.00
N ALA A 393 -13.40 27.08 -4.04
CA ALA A 393 -13.28 27.57 -5.40
C ALA A 393 -14.44 28.48 -5.78
#